data_1RFV
#
_entry.id   1RFV
#
_cell.length_a   59.066
_cell.length_b   93.942
_cell.length_c   128.743
_cell.angle_alpha   90.00
_cell.angle_beta   90.00
_cell.angle_gamma   90.00
#
_symmetry.space_group_name_H-M   'P 21 21 21'
#
loop_
_entity.id
_entity.type
_entity.pdbx_description
1 polymer 'pyridoxal kinase'
2 non-polymer 'ZINC ION'
3 non-polymer "ADENOSINE-5'-DIPHOSPHATE"
4 water water
#
_entity_poly.entity_id   1
_entity_poly.type   'polypeptide(L)'
_entity_poly.pdbx_seq_one_letter_code
;MEEECRVLSIQSHVVRGYVGNRAATFPLQVLGFEVDAVNSVQFSNHTGYSHWKGQVLNSDELQELYDGLKLNHVNQYDYV
LTGYTRDKSFLAMVVDIVQELKQQNPRLVYVCDPVMGDQRNGEGAMYVPDDLLPVYREKVVPVADIITPNQFEAELLTGR
KIHSQEEALEVMDMLHSMGPDTVVITSSNLLSPRGSDYLMALGSQRTRAPDGSVVTQRIRMEMHKVDAVFVGTGDLFAAM
LLAWTHKHPNNLKVACEKTVSAMHHVLQRTIKCAKAKSGEGVKPSPAQLELRMVQSKKDIESPEIVVQATVL
;
_entity_poly.pdbx_strand_id   A,B
#
loop_
_chem_comp.id
_chem_comp.type
_chem_comp.name
_chem_comp.formula
ADP non-polymer ADENOSINE-5'-DIPHOSPHATE 'C10 H15 N5 O10 P2'
ZN non-polymer 'ZINC ION' 'Zn 2'
#
# COMPACT_ATOMS: atom_id res chain seq x y z
N GLU A 4 -13.05 -13.86 -5.06
CA GLU A 4 -12.25 -12.81 -4.37
C GLU A 4 -12.17 -13.01 -2.85
N CYS A 5 -10.95 -13.05 -2.31
CA CYS A 5 -10.76 -13.22 -0.88
C CYS A 5 -10.35 -11.88 -0.25
N ARG A 6 -11.04 -11.48 0.81
CA ARG A 6 -10.73 -10.21 1.46
C ARG A 6 -10.05 -10.37 2.82
N VAL A 7 -8.91 -9.70 2.98
CA VAL A 7 -8.12 -9.74 4.21
C VAL A 7 -8.17 -8.43 5.00
N LEU A 8 -8.38 -8.54 6.31
CA LEU A 8 -8.38 -7.36 7.18
C LEU A 8 -7.06 -7.47 7.92
N SER A 9 -6.12 -6.63 7.55
CA SER A 9 -4.81 -6.65 8.18
C SER A 9 -4.66 -5.45 9.09
N ILE A 10 -4.38 -5.71 10.36
CA ILE A 10 -4.22 -4.65 11.34
C ILE A 10 -2.79 -4.68 11.89
N GLN A 11 -1.94 -3.83 11.35
CA GLN A 11 -0.54 -3.77 11.75
C GLN A 11 0.01 -2.36 11.52
N SER A 12 1.25 -2.16 11.95
CA SER A 12 1.91 -0.86 11.84
C SER A 12 2.18 -0.43 10.42
N HIS A 13 2.40 0.88 10.25
CA HIS A 13 2.70 1.46 8.97
C HIS A 13 3.91 2.36 9.10
N VAL A 14 4.84 2.25 8.15
CA VAL A 14 6.01 3.11 8.15
C VAL A 14 6.06 3.83 6.80
N VAL A 15 6.45 5.10 6.82
CA VAL A 15 6.53 5.88 5.61
C VAL A 15 7.51 5.22 4.65
N ARG A 16 8.71 4.94 5.17
CA ARG A 16 9.79 4.31 4.43
C ARG A 16 10.07 2.89 4.93
N GLY A 17 10.51 2.01 4.04
CA GLY A 17 10.83 0.65 4.44
C GLY A 17 9.68 -0.33 4.49
N TYR A 18 9.97 -1.55 4.93
CA TYR A 18 8.93 -2.57 5.01
C TYR A 18 8.87 -3.34 6.32
N VAL A 19 7.78 -3.11 7.04
CA VAL A 19 7.54 -3.79 8.30
C VAL A 19 6.03 -3.72 8.50
N GLY A 20 5.48 -4.60 9.34
CA GLY A 20 4.05 -4.57 9.55
C GLY A 20 3.25 -4.57 8.26
N ASN A 21 2.26 -3.68 8.18
CA ASN A 21 1.39 -3.61 7.01
C ASN A 21 2.09 -3.32 5.70
N ARG A 22 3.27 -2.72 5.79
CA ARG A 22 4.04 -2.40 4.59
C ARG A 22 4.68 -3.64 3.98
N ALA A 23 4.96 -4.63 4.84
CA ALA A 23 5.58 -5.88 4.42
C ALA A 23 4.51 -6.89 4.05
N ALA A 24 3.28 -6.67 4.51
CA ALA A 24 2.22 -7.62 4.25
C ALA A 24 1.26 -7.25 3.11
N THR A 25 1.09 -5.96 2.83
CA THR A 25 0.13 -5.58 1.80
C THR A 25 0.52 -5.88 0.35
N PHE A 26 1.68 -5.41 -0.08
CA PHE A 26 2.13 -5.64 -1.46
C PHE A 26 2.15 -7.13 -1.83
N PRO A 27 2.67 -7.99 -0.93
CA PRO A 27 2.70 -9.42 -1.24
C PRO A 27 1.30 -10.01 -1.48
N LEU A 28 0.39 -9.74 -0.55
CA LEU A 28 -0.97 -10.22 -0.67
C LEU A 28 -1.68 -9.65 -1.91
N GLN A 29 -1.40 -8.39 -2.22
CA GLN A 29 -2.02 -7.76 -3.38
C GLN A 29 -1.58 -8.43 -4.68
N VAL A 30 -0.26 -8.59 -4.88
CA VAL A 30 0.22 -9.23 -6.11
C VAL A 30 -0.25 -10.68 -6.19
N LEU A 31 -0.51 -11.29 -5.04
CA LEU A 31 -0.97 -12.68 -5.02
C LEU A 31 -2.48 -12.78 -5.26
N GLY A 32 -3.14 -11.63 -5.46
CA GLY A 32 -4.56 -11.64 -5.74
C GLY A 32 -5.53 -11.37 -4.62
N PHE A 33 -5.02 -11.02 -3.44
CA PHE A 33 -5.92 -10.76 -2.33
C PHE A 33 -6.35 -9.30 -2.18
N GLU A 34 -7.61 -9.12 -1.83
CA GLU A 34 -8.16 -7.79 -1.60
C GLU A 34 -7.77 -7.50 -0.15
N VAL A 35 -6.86 -6.54 0.06
CA VAL A 35 -6.41 -6.21 1.41
C VAL A 35 -6.94 -4.89 2.00
N ASP A 36 -7.64 -4.98 3.14
CA ASP A 36 -8.15 -3.79 3.82
C ASP A 36 -7.14 -3.57 4.92
N ALA A 37 -6.49 -2.42 4.92
CA ALA A 37 -5.45 -2.16 5.92
C ALA A 37 -5.74 -1.11 6.99
N VAL A 38 -5.68 -1.55 8.24
CA VAL A 38 -5.87 -0.66 9.38
C VAL A 38 -4.46 -0.45 9.92
N ASN A 39 -3.96 0.77 9.85
CA ASN A 39 -2.62 1.03 10.35
C ASN A 39 -2.69 1.35 11.83
N SER A 40 -2.12 0.46 12.65
CA SER A 40 -2.14 0.63 14.09
C SER A 40 -1.26 1.80 14.53
N VAL A 41 -0.29 2.17 13.72
CA VAL A 41 0.58 3.28 14.02
C VAL A 41 1.13 3.80 12.70
N GLN A 42 1.72 4.99 12.72
CA GLN A 42 2.35 5.52 11.53
C GLN A 42 3.66 6.17 11.92
N PHE A 43 4.77 5.50 11.62
CA PHE A 43 6.08 6.04 11.94
C PHE A 43 6.84 6.32 10.65
N SER A 44 7.92 7.07 10.77
CA SER A 44 8.74 7.43 9.63
C SER A 44 9.51 6.23 9.09
N ASN A 45 9.84 5.30 9.99
CA ASN A 45 10.57 4.12 9.62
C ASN A 45 10.55 3.19 10.82
N HIS A 46 11.24 2.05 10.77
CA HIS A 46 11.23 1.13 11.89
C HIS A 46 12.30 1.46 12.91
N THR A 47 12.18 0.86 14.08
CA THR A 47 13.10 1.10 15.21
C THR A 47 14.52 0.59 15.05
N GLY A 48 14.85 0.08 13.87
CA GLY A 48 16.21 -0.40 13.64
C GLY A 48 17.11 0.77 13.31
N TYR A 49 16.48 1.90 13.00
CA TYR A 49 17.19 3.14 12.68
C TYR A 49 17.55 3.86 13.98
N SER A 50 18.44 4.85 13.91
CA SER A 50 18.86 5.57 15.11
C SER A 50 17.78 6.52 15.59
N HIS A 51 16.92 6.94 14.66
CA HIS A 51 15.84 7.85 14.98
C HIS A 51 14.53 7.34 14.42
N TRP A 52 13.43 7.87 14.94
CA TRP A 52 12.12 7.51 14.45
C TRP A 52 11.09 8.41 15.11
N LYS A 53 10.10 8.81 14.33
CA LYS A 53 9.05 9.68 14.82
C LYS A 53 7.75 9.22 14.20
N GLY A 54 6.64 9.44 14.90
CA GLY A 54 5.35 9.02 14.38
C GLY A 54 4.29 9.09 15.44
N GLN A 55 3.09 8.62 15.12
CA GLN A 55 1.98 8.66 16.07
C GLN A 55 1.34 7.27 16.21
N VAL A 56 0.72 7.01 17.36
CA VAL A 56 0.08 5.73 17.61
C VAL A 56 -1.44 5.81 17.64
N LEU A 57 -2.10 4.71 17.35
CA LEU A 57 -3.56 4.66 17.35
C LEU A 57 -3.97 3.94 18.63
N ASN A 58 -4.92 4.50 19.37
CA ASN A 58 -5.37 3.83 20.60
C ASN A 58 -6.56 2.94 20.29
N SER A 59 -6.90 2.08 21.23
CA SER A 59 -8.00 1.14 21.03
C SER A 59 -9.31 1.80 20.64
N ASP A 60 -9.51 3.05 21.06
CA ASP A 60 -10.74 3.77 20.72
C ASP A 60 -10.79 4.13 19.25
N GLU A 61 -9.65 4.54 18.71
CA GLU A 61 -9.55 4.90 17.32
C GLU A 61 -9.72 3.67 16.45
N LEU A 62 -9.16 2.54 16.90
CA LEU A 62 -9.30 1.30 16.16
C LEU A 62 -10.78 0.98 16.05
N GLN A 63 -11.49 1.14 17.16
CA GLN A 63 -12.92 0.89 17.23
C GLN A 63 -13.73 1.77 16.27
N GLU A 64 -13.35 3.04 16.19
CA GLU A 64 -14.03 4.00 15.32
C GLU A 64 -13.96 3.53 13.89
N LEU A 65 -12.77 3.13 13.45
CA LEU A 65 -12.56 2.66 12.09
C LEU A 65 -13.44 1.44 11.82
N TYR A 66 -13.37 0.44 12.68
CA TYR A 66 -14.16 -0.76 12.50
C TYR A 66 -15.64 -0.42 12.44
N ASP A 67 -16.06 0.53 13.27
CA ASP A 67 -17.45 0.96 13.32
C ASP A 67 -17.90 1.53 11.98
N GLY A 68 -16.99 2.23 11.31
CA GLY A 68 -17.31 2.80 10.02
C GLY A 68 -17.63 1.71 9.02
N LEU A 69 -16.84 0.65 9.02
CA LEU A 69 -17.03 -0.47 8.10
C LEU A 69 -18.35 -1.15 8.42
N LYS A 70 -18.62 -1.27 9.72
CA LYS A 70 -19.84 -1.90 10.21
C LYS A 70 -21.07 -1.10 9.81
N LEU A 71 -21.01 0.22 10.02
CA LEU A 71 -22.13 1.08 9.67
C LEU A 71 -22.49 0.97 8.19
N ASN A 72 -21.47 0.73 7.36
CA ASN A 72 -21.67 0.62 5.92
C ASN A 72 -21.95 -0.80 5.45
N HIS A 73 -22.01 -1.72 6.40
CA HIS A 73 -22.30 -3.13 6.10
C HIS A 73 -21.23 -3.74 5.21
N VAL A 74 -19.99 -3.28 5.35
CA VAL A 74 -18.92 -3.85 4.54
C VAL A 74 -17.87 -4.52 5.41
N ASN A 75 -18.33 -5.04 6.56
CA ASN A 75 -17.44 -5.71 7.49
C ASN A 75 -17.51 -7.23 7.30
N GLN A 76 -17.41 -7.66 6.04
CA GLN A 76 -17.40 -9.09 5.69
C GLN A 76 -15.98 -9.46 5.28
N TYR A 77 -15.31 -10.31 6.06
CA TYR A 77 -13.95 -10.70 5.70
C TYR A 77 -13.77 -12.20 5.66
N ASP A 78 -12.70 -12.63 5.00
CA ASP A 78 -12.38 -14.05 4.87
C ASP A 78 -11.18 -14.36 5.74
N TYR A 79 -10.34 -13.34 5.93
CA TYR A 79 -9.14 -13.48 6.75
C TYR A 79 -8.90 -12.19 7.54
N VAL A 80 -8.31 -12.38 8.70
CA VAL A 80 -7.86 -11.29 9.57
C VAL A 80 -6.41 -11.61 9.85
N LEU A 81 -5.58 -10.61 9.81
CA LEU A 81 -4.15 -10.83 9.99
C LEU A 81 -3.56 -9.77 10.91
N THR A 82 -2.96 -10.20 12.02
CA THR A 82 -2.35 -9.27 12.97
C THR A 82 -0.94 -9.71 13.30
N GLY A 83 -0.15 -8.79 13.84
CA GLY A 83 1.22 -9.08 14.20
C GLY A 83 1.62 -8.31 15.43
N TYR A 84 2.75 -7.61 15.36
CA TYR A 84 3.25 -6.83 16.49
C TYR A 84 2.21 -5.85 17.03
N THR A 85 2.17 -5.76 18.36
CA THR A 85 1.27 -4.87 19.11
C THR A 85 1.95 -4.72 20.46
N ARG A 86 1.98 -3.52 21.03
CA ARG A 86 2.61 -3.41 22.35
C ARG A 86 1.67 -2.80 23.40
N ASP A 87 0.38 -2.80 23.07
CA ASP A 87 -0.65 -2.26 23.92
C ASP A 87 -1.71 -3.34 24.12
N LYS A 88 -1.83 -3.86 25.34
CA LYS A 88 -2.80 -4.92 25.62
C LYS A 88 -4.25 -4.53 25.38
N SER A 89 -4.54 -3.24 25.54
CA SER A 89 -5.88 -2.71 25.34
C SER A 89 -6.26 -2.80 23.86
N PHE A 90 -5.28 -2.56 23.00
CA PHE A 90 -5.47 -2.60 21.56
C PHE A 90 -5.70 -4.05 21.14
N LEU A 91 -4.86 -4.93 21.68
CA LEU A 91 -4.92 -6.36 21.39
C LEU A 91 -6.27 -6.95 21.79
N ALA A 92 -6.78 -6.53 22.93
CA ALA A 92 -8.07 -7.01 23.44
C ALA A 92 -9.17 -6.55 22.49
N MET A 93 -9.00 -5.35 21.93
CA MET A 93 -9.98 -4.82 21.00
C MET A 93 -10.00 -5.68 19.73
N VAL A 94 -8.81 -6.14 19.33
CA VAL A 94 -8.68 -6.96 18.16
C VAL A 94 -9.47 -8.27 18.33
N VAL A 95 -9.33 -8.89 19.49
CA VAL A 95 -10.05 -10.14 19.74
C VAL A 95 -11.57 -9.95 19.63
N ASP A 96 -12.07 -8.83 20.14
CA ASP A 96 -13.50 -8.58 20.07
C ASP A 96 -13.94 -8.53 18.62
N ILE A 97 -13.16 -7.80 17.82
CA ILE A 97 -13.44 -7.65 16.40
C ILE A 97 -13.43 -8.99 15.67
N VAL A 98 -12.43 -9.83 15.95
CA VAL A 98 -12.35 -11.13 15.31
C VAL A 98 -13.54 -12.00 15.68
N GLN A 99 -13.89 -12.03 16.96
CA GLN A 99 -15.02 -12.82 17.42
C GLN A 99 -16.30 -12.42 16.69
N GLU A 100 -16.55 -11.11 16.65
CA GLU A 100 -17.73 -10.58 15.99
C GLU A 100 -17.75 -10.95 14.51
N LEU A 101 -16.58 -10.90 13.87
CA LEU A 101 -16.48 -11.24 12.45
C LEU A 101 -16.70 -12.73 12.21
N LYS A 102 -16.17 -13.57 13.09
CA LYS A 102 -16.34 -15.01 12.94
C LYS A 102 -17.80 -15.39 13.14
N GLN A 103 -18.58 -14.44 13.64
CA GLN A 103 -20.00 -14.65 13.84
C GLN A 103 -20.74 -14.62 12.50
N GLN A 104 -20.43 -13.64 11.65
CA GLN A 104 -21.09 -13.54 10.35
C GLN A 104 -20.48 -14.54 9.38
N ASN A 105 -19.21 -14.88 9.61
CA ASN A 105 -18.54 -15.81 8.73
C ASN A 105 -17.74 -16.81 9.54
N PRO A 106 -18.39 -17.90 9.97
CA PRO A 106 -17.75 -18.96 10.77
C PRO A 106 -16.55 -19.53 10.04
N ARG A 107 -16.47 -19.24 8.75
CA ARG A 107 -15.39 -19.72 7.90
C ARG A 107 -14.16 -18.81 7.86
N LEU A 108 -14.27 -17.64 8.49
CA LEU A 108 -13.16 -16.70 8.52
C LEU A 108 -11.94 -17.34 9.18
N VAL A 109 -10.76 -17.10 8.62
CA VAL A 109 -9.53 -17.63 9.16
C VAL A 109 -8.72 -16.50 9.76
N TYR A 110 -8.30 -16.69 11.00
CA TYR A 110 -7.53 -15.66 11.68
C TYR A 110 -6.07 -16.11 11.76
N VAL A 111 -5.19 -15.38 11.08
CA VAL A 111 -3.76 -15.67 11.09
C VAL A 111 -3.09 -14.72 12.08
N CYS A 112 -2.46 -15.28 13.12
CA CYS A 112 -1.80 -14.46 14.12
C CYS A 112 -0.32 -14.77 14.36
N ASP A 113 0.48 -13.73 14.36
CA ASP A 113 1.90 -13.82 14.62
C ASP A 113 2.03 -13.10 15.96
N PRO A 114 2.10 -13.87 17.07
CA PRO A 114 2.21 -13.36 18.45
C PRO A 114 3.57 -12.79 18.82
N VAL A 115 3.87 -11.60 18.34
CA VAL A 115 5.18 -11.00 18.61
C VAL A 115 5.41 -10.57 20.06
N MET A 116 6.52 -11.02 20.62
CA MET A 116 6.92 -10.69 22.00
C MET A 116 8.45 -10.61 22.05
N GLY A 117 8.98 -9.81 22.97
CA GLY A 117 10.43 -9.68 23.09
C GLY A 117 10.99 -8.32 22.68
N ASP A 118 12.31 -8.23 22.57
CA ASP A 118 13.00 -6.98 22.22
C ASP A 118 13.15 -6.74 20.71
N GLN A 119 12.24 -7.31 19.92
CA GLN A 119 12.28 -7.16 18.47
C GLN A 119 12.17 -5.74 17.94
N ARG A 120 12.77 -5.53 16.76
CA ARG A 120 12.70 -4.24 16.11
C ARG A 120 11.37 -4.25 15.38
N ASN A 121 10.62 -3.17 15.51
CA ASN A 121 9.29 -3.08 14.93
C ASN A 121 9.04 -1.72 14.28
N GLY A 122 7.79 -1.46 13.92
CA GLY A 122 7.44 -0.20 13.32
C GLY A 122 6.49 0.60 14.19
N GLU A 123 6.52 0.36 15.49
CA GLU A 123 5.64 1.06 16.44
C GLU A 123 6.42 1.85 17.49
N GLY A 124 7.57 2.40 17.08
CA GLY A 124 8.41 3.18 18.00
C GLY A 124 8.74 2.59 19.36
N ALA A 125 8.44 1.31 19.55
CA ALA A 125 8.68 0.62 20.82
C ALA A 125 10.00 -0.12 20.91
N MET A 126 10.57 -0.14 22.11
CA MET A 126 11.84 -0.83 22.33
C MET A 126 11.63 -2.26 22.86
N TYR A 127 10.41 -2.58 23.26
CA TYR A 127 10.09 -3.91 23.81
C TYR A 127 8.58 -4.11 23.96
N VAL A 128 8.17 -5.35 24.23
CA VAL A 128 6.75 -5.67 24.43
C VAL A 128 6.50 -5.96 25.91
N PRO A 129 5.62 -5.18 26.54
CA PRO A 129 5.27 -5.33 27.97
C PRO A 129 4.90 -6.77 28.32
N ASP A 130 5.39 -7.25 29.45
CA ASP A 130 5.08 -8.60 29.89
C ASP A 130 3.58 -8.84 30.08
N ASP A 131 2.84 -7.78 30.41
CA ASP A 131 1.39 -7.94 30.61
C ASP A 131 0.60 -8.32 29.35
N LEU A 132 1.31 -8.63 28.26
CA LEU A 132 0.63 -9.04 27.03
C LEU A 132 0.51 -10.56 26.95
N LEU A 133 1.52 -11.26 27.46
CA LEU A 133 1.51 -12.71 27.44
C LEU A 133 0.17 -13.31 27.87
N PRO A 134 -0.38 -12.86 29.01
CA PRO A 134 -1.67 -13.44 29.41
C PRO A 134 -2.82 -13.17 28.43
N VAL A 135 -2.76 -12.05 27.70
CA VAL A 135 -3.82 -11.72 26.74
C VAL A 135 -3.71 -12.65 25.52
N TYR A 136 -2.49 -12.87 25.08
CA TYR A 136 -2.22 -13.74 23.94
C TYR A 136 -2.63 -15.17 24.28
N ARG A 137 -2.19 -15.60 25.46
CA ARG A 137 -2.44 -16.92 25.94
C ARG A 137 -3.92 -17.25 26.15
N GLU A 138 -4.65 -16.36 26.80
CA GLU A 138 -6.05 -16.64 27.08
C GLU A 138 -7.13 -16.08 26.16
N LYS A 139 -6.80 -15.02 25.42
CA LYS A 139 -7.80 -14.45 24.52
C LYS A 139 -7.47 -14.57 23.03
N VAL A 140 -6.22 -14.31 22.65
CA VAL A 140 -5.83 -14.37 21.24
C VAL A 140 -5.71 -15.78 20.65
N VAL A 141 -4.77 -16.56 21.16
CA VAL A 141 -4.53 -17.92 20.68
C VAL A 141 -5.80 -18.76 20.56
N PRO A 142 -6.71 -18.68 21.54
CA PRO A 142 -7.96 -19.45 21.50
C PRO A 142 -8.84 -19.20 20.28
N VAL A 143 -8.73 -18.02 19.67
CA VAL A 143 -9.54 -17.71 18.49
C VAL A 143 -8.72 -17.66 17.19
N ALA A 144 -7.42 -17.94 17.31
CA ALA A 144 -6.53 -17.94 16.16
C ALA A 144 -6.54 -19.30 15.42
N ASP A 145 -6.49 -19.25 14.10
CA ASP A 145 -6.51 -20.47 13.28
C ASP A 145 -5.13 -20.87 12.79
N ILE A 146 -4.27 -19.89 12.55
CA ILE A 146 -2.89 -20.14 12.12
C ILE A 146 -2.01 -19.21 12.93
N ILE A 147 -1.01 -19.75 13.61
CA ILE A 147 -0.12 -18.92 14.40
C ILE A 147 1.31 -19.18 13.97
N THR A 148 2.14 -18.13 13.98
CA THR A 148 3.52 -18.27 13.55
C THR A 148 4.51 -17.76 14.59
N PRO A 149 4.56 -18.41 15.77
CA PRO A 149 5.49 -17.97 16.81
C PRO A 149 6.91 -18.46 16.54
N ASN A 150 7.90 -17.78 17.12
CA ASN A 150 9.27 -18.25 16.97
C ASN A 150 9.45 -19.14 18.20
N GLN A 151 10.59 -19.78 18.36
CA GLN A 151 10.78 -20.64 19.52
C GLN A 151 10.50 -19.92 20.83
N PHE A 152 11.09 -18.74 21.02
CA PHE A 152 10.90 -17.96 22.24
C PHE A 152 9.43 -17.70 22.58
N GLU A 153 8.65 -17.35 21.57
CA GLU A 153 7.23 -17.08 21.75
C GLU A 153 6.43 -18.35 22.04
N ALA A 154 6.78 -19.43 21.35
CA ALA A 154 6.11 -20.71 21.56
C ALA A 154 6.30 -21.16 23.03
N GLU A 155 7.48 -20.91 23.59
CA GLU A 155 7.77 -21.29 24.96
C GLU A 155 6.93 -20.48 25.97
N LEU A 156 6.88 -19.17 25.79
CA LEU A 156 6.10 -18.31 26.69
C LEU A 156 4.62 -18.72 26.69
N LEU A 157 4.08 -18.94 25.50
CA LEU A 157 2.67 -19.31 25.38
C LEU A 157 2.30 -20.62 26.06
N THR A 158 3.24 -21.56 26.13
CA THR A 158 2.97 -22.86 26.73
C THR A 158 3.66 -23.07 28.07
N GLY A 159 4.48 -22.10 28.47
CA GLY A 159 5.19 -22.18 29.73
C GLY A 159 6.21 -23.32 29.76
N ARG A 160 6.54 -23.85 28.58
CA ARG A 160 7.49 -24.95 28.49
C ARG A 160 8.74 -24.55 27.70
N LYS A 161 9.86 -25.19 28.00
CA LYS A 161 11.08 -24.88 27.26
C LYS A 161 11.35 -25.98 26.26
N ILE A 162 11.99 -25.60 25.17
CA ILE A 162 12.31 -26.52 24.10
C ILE A 162 13.81 -26.77 24.06
N HIS A 163 14.20 -28.03 24.20
CA HIS A 163 15.59 -28.44 24.18
C HIS A 163 15.89 -29.37 23.00
N SER A 164 14.83 -29.87 22.36
CA SER A 164 15.02 -30.79 21.24
C SER A 164 13.86 -30.79 20.26
N GLN A 165 14.05 -31.46 19.14
CA GLN A 165 13.02 -31.52 18.12
C GLN A 165 11.76 -32.14 18.67
N GLU A 166 11.93 -33.15 19.52
CA GLU A 166 10.78 -33.86 20.10
C GLU A 166 9.98 -33.00 21.05
N GLU A 167 10.66 -32.12 21.78
CA GLU A 167 9.98 -31.23 22.70
C GLU A 167 9.19 -30.17 21.94
N ALA A 168 9.73 -29.73 20.81
CA ALA A 168 9.08 -28.73 19.98
C ALA A 168 7.74 -29.29 19.51
N LEU A 169 7.76 -30.51 19.00
CA LEU A 169 6.55 -31.16 18.54
C LEU A 169 5.51 -31.24 19.66
N GLU A 170 5.99 -31.41 20.90
CA GLU A 170 5.10 -31.50 22.04
C GLU A 170 4.49 -30.14 22.34
N VAL A 171 5.29 -29.09 22.22
CA VAL A 171 4.80 -27.74 22.46
C VAL A 171 3.81 -27.38 21.37
N MET A 172 4.07 -27.80 20.14
CA MET A 172 3.16 -27.51 19.04
C MET A 172 1.81 -28.18 19.26
N ASP A 173 1.83 -29.36 19.88
CA ASP A 173 0.60 -30.09 20.17
C ASP A 173 -0.19 -29.34 21.24
N MET A 174 0.54 -28.78 22.20
CA MET A 174 -0.08 -28.02 23.28
C MET A 174 -0.78 -26.80 22.69
N LEU A 175 -0.16 -26.19 21.67
CA LEU A 175 -0.73 -25.03 21.02
C LEU A 175 -1.98 -25.43 20.26
N HIS A 176 -1.95 -26.61 19.62
CA HIS A 176 -3.12 -27.08 18.89
C HIS A 176 -4.31 -27.18 19.83
N SER A 177 -4.10 -27.76 21.02
CA SER A 177 -5.18 -27.90 21.98
C SER A 177 -5.70 -26.56 22.48
N MET A 178 -4.87 -25.52 22.37
CA MET A 178 -5.29 -24.19 22.78
C MET A 178 -6.17 -23.54 21.71
N GLY A 179 -6.15 -24.09 20.50
CA GLY A 179 -6.99 -23.53 19.46
C GLY A 179 -6.61 -23.67 17.99
N PRO A 180 -5.50 -23.05 17.56
CA PRO A 180 -5.05 -23.11 16.16
C PRO A 180 -4.79 -24.48 15.54
N ASP A 181 -5.45 -24.76 14.41
CA ASP A 181 -5.26 -26.03 13.69
C ASP A 181 -3.93 -26.07 12.95
N THR A 182 -3.30 -24.90 12.78
CA THR A 182 -2.01 -24.82 12.10
C THR A 182 -1.03 -24.04 12.96
N VAL A 183 0.15 -24.61 13.18
CA VAL A 183 1.17 -23.95 13.96
C VAL A 183 2.50 -24.05 13.24
N VAL A 184 3.19 -22.93 13.10
CA VAL A 184 4.48 -22.91 12.45
C VAL A 184 5.48 -22.15 13.29
N ILE A 185 6.51 -22.86 13.75
CA ILE A 185 7.56 -22.23 14.53
C ILE A 185 8.57 -21.78 13.48
N THR A 186 8.50 -20.49 13.15
CA THR A 186 9.33 -19.86 12.14
C THR A 186 10.86 -19.87 12.28
N SER A 187 11.38 -19.98 13.50
CA SER A 187 12.83 -20.04 13.69
C SER A 187 13.11 -20.55 15.09
N SER A 188 14.22 -21.28 15.22
CA SER A 188 14.57 -21.85 16.51
C SER A 188 16.07 -21.95 16.72
N ASN A 189 16.45 -22.29 17.94
CA ASN A 189 17.84 -22.44 18.33
C ASN A 189 18.30 -23.88 18.14
N LEU A 190 17.37 -24.76 17.78
CA LEU A 190 17.71 -26.16 17.58
C LEU A 190 18.73 -26.34 16.48
N LEU A 191 19.75 -27.15 16.75
CA LEU A 191 20.80 -27.42 15.79
C LEU A 191 20.21 -28.32 14.69
N SER A 192 20.33 -27.89 13.44
CA SER A 192 19.80 -28.68 12.33
C SER A 192 20.80 -29.77 11.95
N PRO A 193 20.29 -30.95 11.57
CA PRO A 193 21.18 -32.04 11.17
C PRO A 193 22.04 -31.66 9.95
N ARG A 194 21.56 -30.70 9.17
CA ARG A 194 22.28 -30.25 7.97
C ARG A 194 23.54 -29.44 8.29
N GLY A 195 23.52 -28.72 9.40
CA GLY A 195 24.67 -27.91 9.79
C GLY A 195 24.32 -26.73 10.68
N SER A 196 25.32 -26.18 11.36
CA SER A 196 25.12 -25.05 12.27
C SER A 196 24.74 -23.74 11.58
N ASP A 197 24.83 -23.72 10.25
CA ASP A 197 24.51 -22.51 9.49
C ASP A 197 23.09 -22.50 8.97
N TYR A 198 22.35 -23.56 9.26
CA TYR A 198 20.98 -23.64 8.80
C TYR A 198 20.03 -23.28 9.92
N LEU A 199 18.95 -22.59 9.55
CA LEU A 199 17.92 -22.20 10.50
C LEU A 199 16.85 -23.27 10.40
N MET A 200 16.35 -23.69 11.53
CA MET A 200 15.35 -24.75 11.56
C MET A 200 13.97 -24.19 11.90
N ALA A 201 13.02 -24.58 11.08
CA ALA A 201 11.61 -24.20 11.25
C ALA A 201 10.77 -25.47 11.29
N LEU A 202 9.73 -25.46 12.12
CA LEU A 202 8.88 -26.63 12.26
C LEU A 202 7.43 -26.27 11.97
N GLY A 203 6.69 -27.21 11.39
CA GLY A 203 5.31 -26.95 11.09
C GLY A 203 4.40 -28.11 11.46
N SER A 204 3.19 -27.79 11.89
CA SER A 204 2.22 -28.81 12.27
C SER A 204 0.82 -28.36 11.94
N GLN A 205 0.04 -29.25 11.34
CA GLN A 205 -1.33 -28.94 10.96
C GLN A 205 -2.30 -30.06 11.30
N ARG A 206 -3.30 -29.75 12.10
CA ARG A 206 -4.31 -30.73 12.46
C ARG A 206 -5.47 -30.66 11.49
N THR A 207 -5.59 -31.66 10.62
CA THR A 207 -6.67 -31.70 9.65
C THR A 207 -7.79 -32.61 10.17
N ARG A 208 -8.83 -31.98 10.70
CA ARG A 208 -9.96 -32.69 11.27
C ARG A 208 -10.94 -33.19 10.21
N GLY A 212 -14.11 -38.90 11.49
CA GLY A 212 -13.04 -37.91 11.49
C GLY A 212 -12.17 -37.91 12.74
N SER A 213 -10.95 -38.41 12.59
CA SER A 213 -9.95 -38.45 13.66
C SER A 213 -9.01 -37.31 13.29
N VAL A 214 -8.03 -36.98 14.13
CA VAL A 214 -7.13 -35.89 13.76
C VAL A 214 -5.87 -36.37 13.07
N VAL A 215 -5.86 -36.22 11.76
CA VAL A 215 -4.70 -36.57 10.95
C VAL A 215 -3.77 -35.37 11.06
N THR A 216 -2.67 -35.51 11.79
CA THR A 216 -1.74 -34.40 11.98
C THR A 216 -0.51 -34.45 11.06
N GLN A 217 -0.33 -33.44 10.21
CA GLN A 217 0.83 -33.39 9.34
C GLN A 217 1.91 -32.53 9.99
N ARG A 218 3.12 -33.08 10.15
CA ARG A 218 4.22 -32.36 10.75
C ARG A 218 5.38 -32.30 9.76
N ILE A 219 6.08 -31.18 9.73
CA ILE A 219 7.19 -31.03 8.80
C ILE A 219 8.34 -30.24 9.42
N ARG A 220 9.51 -30.40 8.82
CA ARG A 220 10.68 -29.68 9.28
C ARG A 220 11.31 -29.04 8.06
N MET A 221 11.86 -27.85 8.24
CA MET A 221 12.50 -27.12 7.16
C MET A 221 13.79 -26.50 7.64
N GLU A 222 14.77 -26.48 6.76
CA GLU A 222 16.06 -25.92 7.09
C GLU A 222 16.41 -24.93 6.00
N MET A 223 16.75 -23.71 6.41
CA MET A 223 17.11 -22.66 5.46
C MET A 223 18.48 -22.15 5.84
N HIS A 224 19.34 -21.89 4.86
CA HIS A 224 20.65 -21.39 5.20
C HIS A 224 20.54 -19.95 5.68
N LYS A 225 21.16 -19.64 6.82
CA LYS A 225 21.11 -18.28 7.34
C LYS A 225 21.82 -17.31 6.41
N VAL A 226 21.25 -16.12 6.34
CA VAL A 226 21.86 -15.01 5.62
C VAL A 226 22.57 -14.19 6.67
N ASP A 227 23.78 -13.80 6.38
CA ASP A 227 24.59 -13.11 7.38
C ASP A 227 24.25 -11.63 7.52
N ALA A 228 23.10 -11.35 8.12
CA ALA A 228 22.64 -9.98 8.33
C ALA A 228 21.38 -9.99 9.17
N VAL A 229 21.03 -8.83 9.73
CA VAL A 229 19.83 -8.71 10.54
C VAL A 229 18.76 -7.97 9.75
N PHE A 230 17.63 -8.63 9.51
CA PHE A 230 16.54 -8.00 8.77
C PHE A 230 15.36 -7.65 9.67
N VAL A 231 14.52 -6.75 9.20
CA VAL A 231 13.33 -6.35 9.94
C VAL A 231 12.14 -6.52 9.01
N GLY A 232 11.03 -7.02 9.55
CA GLY A 232 9.83 -7.21 8.76
C GLY A 232 9.70 -8.59 8.14
N THR A 233 10.75 -9.39 8.28
CA THR A 233 10.74 -10.72 7.71
C THR A 233 9.63 -11.58 8.29
N GLY A 234 9.37 -11.43 9.58
CA GLY A 234 8.32 -12.21 10.20
C GLY A 234 6.96 -11.81 9.64
N ASP A 235 6.75 -10.52 9.41
CA ASP A 235 5.49 -10.04 8.87
C ASP A 235 5.31 -10.56 7.44
N LEU A 236 6.38 -10.50 6.65
CA LEU A 236 6.35 -10.99 5.28
C LEU A 236 6.03 -12.49 5.28
N PHE A 237 6.65 -13.23 6.19
CA PHE A 237 6.42 -14.67 6.30
C PHE A 237 4.92 -14.96 6.50
N ALA A 238 4.35 -14.42 7.57
CA ALA A 238 2.95 -14.63 7.90
C ALA A 238 1.99 -14.27 6.77
N ALA A 239 2.28 -13.18 6.06
CA ALA A 239 1.43 -12.73 4.96
C ALA A 239 1.44 -13.72 3.79
N MET A 240 2.62 -14.23 3.45
CA MET A 240 2.73 -15.17 2.35
C MET A 240 2.18 -16.55 2.74
N LEU A 241 2.37 -16.95 3.99
CA LEU A 241 1.85 -18.24 4.45
C LEU A 241 0.33 -18.21 4.33
N LEU A 242 -0.23 -17.04 4.59
CA LEU A 242 -1.67 -16.90 4.49
C LEU A 242 -2.11 -17.22 3.06
N ALA A 243 -1.45 -16.60 2.09
CA ALA A 243 -1.77 -16.80 0.69
C ALA A 243 -1.61 -18.24 0.23
N TRP A 244 -0.46 -18.83 0.53
CA TRP A 244 -0.18 -20.19 0.12
C TRP A 244 -0.99 -21.27 0.84
N THR A 245 -1.41 -21.03 2.08
CA THR A 245 -2.22 -22.02 2.75
C THR A 245 -3.63 -21.98 2.16
N HIS A 246 -4.00 -20.82 1.63
CA HIS A 246 -5.31 -20.67 1.03
C HIS A 246 -5.38 -21.51 -0.25
N LYS A 247 -4.28 -21.53 -1.00
CA LYS A 247 -4.24 -22.29 -2.24
C LYS A 247 -4.08 -23.79 -1.97
N HIS A 248 -3.32 -24.12 -0.93
CA HIS A 248 -3.10 -25.50 -0.57
C HIS A 248 -3.62 -25.67 0.84
N PRO A 249 -4.94 -25.58 1.00
CA PRO A 249 -5.63 -25.71 2.29
C PRO A 249 -5.31 -26.95 3.13
N ASN A 250 -5.03 -28.07 2.47
CA ASN A 250 -4.73 -29.28 3.22
C ASN A 250 -3.31 -29.77 3.07
N ASN A 251 -2.45 -28.96 2.45
CA ASN A 251 -1.07 -29.39 2.27
C ASN A 251 -0.08 -28.39 2.86
N LEU A 252 0.16 -28.50 4.15
CA LEU A 252 1.09 -27.58 4.82
C LEU A 252 2.48 -27.68 4.23
N LYS A 253 2.83 -28.86 3.71
CA LYS A 253 4.16 -29.08 3.12
C LYS A 253 4.44 -28.13 1.96
N VAL A 254 3.53 -28.11 0.99
CA VAL A 254 3.67 -27.26 -0.19
C VAL A 254 3.58 -25.79 0.19
N ALA A 255 2.61 -25.46 1.04
CA ALA A 255 2.40 -24.10 1.50
C ALA A 255 3.68 -23.52 2.10
N CYS A 256 4.35 -24.30 2.94
CA CYS A 256 5.57 -23.85 3.56
C CYS A 256 6.75 -23.81 2.60
N GLU A 257 6.77 -24.73 1.64
CA GLU A 257 7.87 -24.75 0.66
C GLU A 257 7.82 -23.53 -0.24
N LYS A 258 6.63 -23.12 -0.66
CA LYS A 258 6.52 -21.93 -1.50
C LYS A 258 6.82 -20.70 -0.65
N THR A 259 6.31 -20.69 0.58
CA THR A 259 6.52 -19.56 1.48
C THR A 259 8.00 -19.34 1.79
N VAL A 260 8.69 -20.41 2.17
CA VAL A 260 10.09 -20.30 2.49
C VAL A 260 10.95 -20.05 1.26
N SER A 261 10.53 -20.56 0.10
CA SER A 261 11.30 -20.34 -1.12
C SER A 261 11.32 -18.85 -1.44
N ALA A 262 10.14 -18.22 -1.40
CA ALA A 262 9.98 -16.79 -1.67
C ALA A 262 10.87 -15.99 -0.72
N MET A 263 10.82 -16.37 0.56
CA MET A 263 11.61 -15.75 1.61
C MET A 263 13.08 -15.71 1.18
N HIS A 264 13.56 -16.84 0.66
CA HIS A 264 14.95 -16.96 0.21
C HIS A 264 15.27 -15.97 -0.92
N HIS A 265 14.42 -15.96 -1.94
CA HIS A 265 14.64 -15.08 -3.07
C HIS A 265 14.67 -13.62 -2.65
N VAL A 266 13.71 -13.22 -1.83
CA VAL A 266 13.69 -11.83 -1.38
C VAL A 266 14.93 -11.46 -0.57
N LEU A 267 15.33 -12.32 0.36
CA LEU A 267 16.51 -12.03 1.17
C LEU A 267 17.79 -12.02 0.35
N GLN A 268 17.92 -12.93 -0.61
CA GLN A 268 19.13 -12.96 -1.42
C GLN A 268 19.24 -11.66 -2.21
N ARG A 269 18.15 -11.26 -2.82
CA ARG A 269 18.17 -10.04 -3.59
C ARG A 269 18.48 -8.86 -2.66
N THR A 270 17.94 -8.91 -1.44
CA THR A 270 18.14 -7.84 -0.47
C THR A 270 19.56 -7.68 0.00
N ILE A 271 20.22 -8.79 0.34
CA ILE A 271 21.59 -8.75 0.81
C ILE A 271 22.58 -8.40 -0.31
N LYS A 272 22.26 -8.80 -1.54
CA LYS A 272 23.14 -8.49 -2.66
C LYS A 272 23.13 -7.00 -2.96
N CYS A 273 21.94 -6.41 -2.95
CA CYS A 273 21.83 -4.97 -3.21
C CYS A 273 22.40 -4.15 -2.06
N ALA A 274 22.27 -4.65 -0.83
CA ALA A 274 22.78 -3.94 0.34
C ALA A 274 24.29 -3.84 0.30
N LYS A 275 24.96 -4.96 0.00
CA LYS A 275 26.41 -4.97 -0.06
C LYS A 275 26.94 -4.13 -1.21
N ALA A 276 26.18 -4.08 -2.30
CA ALA A 276 26.54 -3.31 -3.48
C ALA A 276 26.43 -1.79 -3.24
N LYS A 277 25.47 -1.38 -2.41
CA LYS A 277 25.27 0.03 -2.11
C LYS A 277 26.23 0.56 -1.05
N SER A 278 26.62 -0.29 -0.10
CA SER A 278 27.57 0.11 0.93
C SER A 278 28.95 0.02 0.28
N GLY A 279 30.00 0.30 1.05
CA GLY A 279 31.33 0.23 0.47
C GLY A 279 31.96 -1.15 0.56
N GLU A 280 33.23 -1.23 0.18
CA GLU A 280 33.97 -2.48 0.24
C GLU A 280 34.21 -2.70 1.73
N GLY A 281 34.04 -3.93 2.19
CA GLY A 281 34.25 -4.25 3.59
C GLY A 281 33.38 -3.46 4.55
N VAL A 282 32.54 -2.58 4.01
CA VAL A 282 31.64 -1.77 4.84
C VAL A 282 30.39 -2.57 5.12
N LYS A 283 29.99 -2.61 6.38
CA LYS A 283 28.80 -3.34 6.79
C LYS A 283 27.53 -2.59 6.37
N PRO A 284 26.58 -3.31 5.77
CA PRO A 284 25.35 -2.65 5.35
C PRO A 284 24.60 -2.07 6.55
N SER A 285 24.03 -0.88 6.38
CA SER A 285 23.28 -0.23 7.45
C SER A 285 21.81 -0.65 7.38
N PRO A 286 21.08 -0.52 8.48
CA PRO A 286 19.67 -0.90 8.46
C PRO A 286 18.87 -0.25 7.33
N ALA A 287 19.27 0.95 6.95
CA ALA A 287 18.58 1.66 5.88
C ALA A 287 18.84 0.97 4.55
N GLN A 288 20.01 0.38 4.42
CA GLN A 288 20.38 -0.31 3.19
C GLN A 288 19.80 -1.73 3.17
N LEU A 289 19.45 -2.25 4.34
CA LEU A 289 18.91 -3.60 4.45
C LEU A 289 17.40 -3.69 4.33
N GLU A 290 16.74 -2.58 4.02
CA GLU A 290 15.30 -2.61 3.87
C GLU A 290 14.98 -3.62 2.78
N LEU A 291 13.98 -4.46 3.01
CA LEU A 291 13.61 -5.48 2.05
C LEU A 291 13.35 -4.96 0.63
N ARG A 292 13.91 -5.64 -0.37
CA ARG A 292 13.71 -5.25 -1.75
C ARG A 292 12.41 -5.91 -2.21
N MET A 293 11.31 -5.40 -1.67
CA MET A 293 9.96 -5.88 -1.93
C MET A 293 9.48 -5.72 -3.38
N VAL A 294 9.50 -4.49 -3.86
CA VAL A 294 9.05 -4.16 -5.21
C VAL A 294 9.83 -4.94 -6.28
N GLN A 295 11.15 -5.01 -6.10
CA GLN A 295 12.00 -5.70 -7.06
C GLN A 295 11.93 -7.23 -6.94
N SER A 296 11.07 -7.74 -6.07
CA SER A 296 10.95 -9.20 -5.91
C SER A 296 9.58 -9.66 -6.33
N LYS A 297 8.84 -8.77 -6.98
CA LYS A 297 7.49 -9.06 -7.43
C LYS A 297 7.31 -10.44 -8.08
N LYS A 298 8.16 -10.77 -9.06
CA LYS A 298 8.04 -12.04 -9.76
C LYS A 298 8.29 -13.23 -8.85
N ASP A 299 9.27 -13.10 -7.95
CA ASP A 299 9.61 -14.17 -7.01
C ASP A 299 8.50 -14.45 -6.00
N ILE A 300 7.77 -13.40 -5.64
CA ILE A 300 6.67 -13.51 -4.69
C ILE A 300 5.46 -14.15 -5.37
N GLU A 301 5.25 -13.80 -6.64
CA GLU A 301 4.12 -14.31 -7.42
C GLU A 301 4.24 -15.80 -7.70
N SER A 302 5.45 -16.22 -8.07
CA SER A 302 5.71 -17.62 -8.39
C SER A 302 7.14 -17.95 -8.04
N PRO A 303 7.39 -18.34 -6.79
CA PRO A 303 8.74 -18.67 -6.32
C PRO A 303 9.29 -20.03 -6.78
N GLU A 304 10.54 -20.01 -7.28
CA GLU A 304 11.20 -21.24 -7.70
C GLU A 304 11.50 -21.96 -6.40
N ILE A 305 10.99 -23.17 -6.24
CA ILE A 305 11.26 -23.90 -5.00
C ILE A 305 12.75 -24.18 -4.81
N VAL A 306 13.27 -23.83 -3.63
CA VAL A 306 14.69 -24.05 -3.32
C VAL A 306 14.92 -24.82 -2.01
N VAL A 307 13.84 -25.21 -1.34
CA VAL A 307 13.92 -25.99 -0.11
C VAL A 307 12.90 -27.11 -0.17
N GLN A 308 13.20 -28.21 0.51
CA GLN A 308 12.28 -29.33 0.52
C GLN A 308 11.95 -29.60 1.97
N ALA A 309 10.66 -29.63 2.28
CA ALA A 309 10.22 -29.88 3.64
C ALA A 309 10.21 -31.39 3.87
N THR A 310 10.77 -31.82 5.00
CA THR A 310 10.77 -33.24 5.27
C THR A 310 9.60 -33.54 6.22
N VAL A 311 8.82 -34.55 5.85
CA VAL A 311 7.67 -34.94 6.64
C VAL A 311 8.13 -35.77 7.84
N LEU A 312 7.72 -35.36 9.04
CA LEU A 312 8.10 -36.05 10.27
C LEU A 312 7.06 -37.08 10.72
N GLU B 4 16.81 2.60 -9.45
CA GLU B 4 15.59 2.69 -8.56
C GLU B 4 15.08 4.12 -8.40
N CYS B 5 13.79 4.33 -8.65
CA CYS B 5 13.20 5.65 -8.50
C CYS B 5 12.33 5.65 -7.25
N ARG B 6 12.57 6.61 -6.36
CA ARG B 6 11.79 6.69 -5.12
C ARG B 6 10.77 7.84 -5.10
N VAL B 7 9.53 7.49 -4.79
CA VAL B 7 8.43 8.43 -4.76
C VAL B 7 7.92 8.71 -3.34
N LEU B 8 7.77 9.99 -3.01
CA LEU B 8 7.22 10.39 -1.72
C LEU B 8 5.79 10.83 -2.05
N SER B 9 4.84 9.99 -1.65
CA SER B 9 3.43 10.24 -1.89
C SER B 9 2.74 10.62 -0.59
N ILE B 10 2.14 11.81 -0.57
CA ILE B 10 1.44 12.32 0.60
C ILE B 10 -0.03 12.47 0.28
N GLN B 11 -0.85 11.48 0.64
CA GLN B 11 -2.28 11.51 0.38
C GLN B 11 -3.03 10.72 1.42
N SER B 12 -4.34 10.80 1.38
CA SER B 12 -5.20 10.09 2.33
C SER B 12 -5.09 8.58 2.25
N HIS B 13 -5.54 7.91 3.30
CA HIS B 13 -5.55 6.46 3.37
C HIS B 13 -6.93 5.99 3.85
N VAL B 14 -7.47 4.97 3.20
CA VAL B 14 -8.75 4.41 3.62
C VAL B 14 -8.53 2.91 3.89
N VAL B 15 -9.15 2.40 4.95
CA VAL B 15 -9.02 1.00 5.32
C VAL B 15 -9.48 0.13 4.16
N ARG B 16 -10.69 0.42 3.68
CA ARG B 16 -11.30 -0.29 2.57
C ARG B 16 -11.41 0.61 1.34
N GLY B 17 -11.34 -0.01 0.15
CA GLY B 17 -11.47 0.75 -1.08
C GLY B 17 -10.19 1.37 -1.61
N TYR B 18 -10.33 2.16 -2.67
CA TYR B 18 -9.18 2.81 -3.29
C TYR B 18 -9.38 4.29 -3.61
N VAL B 19 -8.65 5.12 -2.87
CA VAL B 19 -8.68 6.56 -3.05
C VAL B 19 -7.36 7.06 -2.47
N GLY B 20 -6.90 8.22 -2.92
CA GLY B 20 -5.64 8.77 -2.41
C GLY B 20 -4.49 7.79 -2.51
N ASN B 21 -3.73 7.64 -1.41
CA ASN B 21 -2.58 6.74 -1.37
C ASN B 21 -2.91 5.28 -1.66
N ARG B 22 -4.15 4.88 -1.43
CA ARG B 22 -4.54 3.50 -1.70
C ARG B 22 -4.65 3.25 -3.19
N ALA B 23 -5.00 4.29 -3.94
CA ALA B 23 -5.15 4.20 -5.39
C ALA B 23 -3.82 4.47 -6.10
N ALA B 24 -2.88 5.09 -5.39
CA ALA B 24 -1.60 5.42 -5.99
C ALA B 24 -0.43 4.47 -5.70
N THR B 25 -0.42 3.85 -4.53
CA THR B 25 0.70 2.98 -4.19
C THR B 25 0.81 1.69 -4.99
N PHE B 26 -0.25 0.88 -4.99
CA PHE B 26 -0.19 -0.39 -5.71
C PHE B 26 0.25 -0.24 -7.17
N PRO B 27 -0.33 0.72 -7.92
CA PRO B 27 0.06 0.90 -9.33
C PRO B 27 1.55 1.23 -9.48
N LEU B 28 2.05 2.16 -8.69
CA LEU B 28 3.44 2.53 -8.76
C LEU B 28 4.36 1.37 -8.36
N GLN B 29 3.92 0.59 -7.39
CA GLN B 29 4.72 -0.54 -6.93
C GLN B 29 4.84 -1.61 -8.01
N VAL B 30 3.72 -1.99 -8.65
CA VAL B 30 3.82 -3.01 -9.69
C VAL B 30 4.58 -2.46 -10.89
N LEU B 31 4.62 -1.13 -11.04
CA LEU B 31 5.35 -0.53 -12.17
C LEU B 31 6.84 -0.38 -11.86
N GLY B 32 7.25 -0.79 -10.66
CA GLY B 32 8.65 -0.74 -10.33
C GLY B 32 9.14 0.41 -9.47
N PHE B 33 8.22 1.23 -8.96
CA PHE B 33 8.66 2.37 -8.13
C PHE B 33 8.69 2.08 -6.63
N GLU B 34 9.68 2.66 -5.97
CA GLU B 34 9.85 2.53 -4.53
C GLU B 34 8.96 3.63 -3.96
N VAL B 35 7.86 3.28 -3.32
CA VAL B 35 6.95 4.28 -2.79
C VAL B 35 6.97 4.46 -1.28
N ASP B 36 7.26 5.69 -0.85
CA ASP B 36 7.26 6.04 0.56
C ASP B 36 5.94 6.76 0.76
N ALA B 37 5.04 6.19 1.55
CA ALA B 37 3.72 6.79 1.74
C ALA B 37 3.47 7.44 3.09
N VAL B 38 3.07 8.70 3.05
CA VAL B 38 2.73 9.46 4.24
C VAL B 38 1.23 9.57 4.13
N ASN B 39 0.51 9.00 5.10
CA ASN B 39 -0.95 9.07 5.06
C ASN B 39 -1.43 10.32 5.77
N SER B 40 -2.00 11.23 4.98
CA SER B 40 -2.49 12.49 5.53
C SER B 40 -3.70 12.30 6.43
N VAL B 41 -4.41 11.19 6.26
CA VAL B 41 -5.57 10.87 7.09
C VAL B 41 -5.79 9.37 7.01
N GLN B 42 -6.59 8.83 7.92
CA GLN B 42 -6.91 7.42 7.88
C GLN B 42 -8.39 7.27 8.20
N PHE B 43 -9.17 6.99 7.17
CA PHE B 43 -10.60 6.80 7.31
C PHE B 43 -10.97 5.36 7.00
N SER B 44 -12.17 4.97 7.39
CA SER B 44 -12.64 3.60 7.17
C SER B 44 -12.92 3.36 5.70
N ASN B 45 -13.30 4.42 5.00
CA ASN B 45 -13.63 4.34 3.58
C ASN B 45 -13.80 5.77 3.05
N HIS B 46 -14.12 5.91 1.78
CA HIS B 46 -14.26 7.26 1.24
C HIS B 46 -15.64 7.85 1.51
N THR B 47 -15.74 9.16 1.36
CA THR B 47 -16.99 9.88 1.64
C THR B 47 -18.17 9.63 0.68
N GLY B 48 -17.99 8.71 -0.26
CA GLY B 48 -19.07 8.40 -1.17
C GLY B 48 -20.06 7.47 -0.49
N TYR B 49 -19.64 6.90 0.64
CA TYR B 49 -20.48 5.99 1.43
C TYR B 49 -21.35 6.84 2.34
N SER B 50 -22.40 6.27 2.93
CA SER B 50 -23.28 7.03 3.81
C SER B 50 -22.66 7.31 5.18
N HIS B 51 -21.64 6.53 5.53
CA HIS B 51 -20.97 6.72 6.81
C HIS B 51 -19.47 6.68 6.60
N TRP B 52 -18.73 7.21 7.55
CA TRP B 52 -17.29 7.19 7.49
C TRP B 52 -16.73 7.72 8.79
N LYS B 53 -15.67 7.09 9.26
CA LYS B 53 -15.02 7.49 10.49
C LYS B 53 -13.52 7.39 10.31
N GLY B 54 -12.78 8.22 11.04
CA GLY B 54 -11.33 8.18 10.93
C GLY B 54 -10.65 9.35 11.61
N GLN B 55 -9.34 9.42 11.46
CA GLN B 55 -8.58 10.49 12.08
C GLN B 55 -7.78 11.29 11.04
N VAL B 56 -7.51 12.54 11.35
CA VAL B 56 -6.75 13.40 10.44
C VAL B 56 -5.39 13.74 11.03
N LEU B 57 -4.45 14.02 10.15
CA LEU B 57 -3.10 14.39 10.55
C LEU B 57 -3.00 15.91 10.37
N ASN B 58 -2.42 16.61 11.33
CA ASN B 58 -2.27 18.06 11.19
C ASN B 58 -0.87 18.35 10.66
N SER B 59 -0.65 19.57 10.20
CA SER B 59 0.64 19.96 9.65
C SER B 59 1.83 19.64 10.55
N ASP B 60 1.62 19.64 11.86
CA ASP B 60 2.70 19.34 12.80
C ASP B 60 3.11 17.88 12.73
N GLU B 61 2.12 17.00 12.65
CA GLU B 61 2.40 15.58 12.58
C GLU B 61 3.09 15.24 11.27
N LEU B 62 2.70 15.93 10.20
CA LEU B 62 3.33 15.72 8.90
C LEU B 62 4.81 16.06 9.05
N GLN B 63 5.09 17.20 9.66
CA GLN B 63 6.46 17.65 9.88
C GLN B 63 7.29 16.66 10.71
N GLU B 64 6.67 16.07 11.73
CA GLU B 64 7.35 15.10 12.59
C GLU B 64 7.87 13.94 11.75
N LEU B 65 7.00 13.41 10.89
CA LEU B 65 7.34 12.29 10.02
C LEU B 65 8.49 12.64 9.09
N TYR B 66 8.39 13.77 8.42
CA TYR B 66 9.45 14.22 7.52
C TYR B 66 10.76 14.37 8.29
N ASP B 67 10.67 14.89 9.51
CA ASP B 67 11.84 15.09 10.35
C ASP B 67 12.55 13.76 10.65
N GLY B 68 11.76 12.70 10.80
CA GLY B 68 12.31 11.39 11.06
C GLY B 68 13.15 10.92 9.90
N LEU B 69 12.65 11.12 8.69
CA LEU B 69 13.37 10.74 7.48
C LEU B 69 14.64 11.56 7.38
N LYS B 70 14.51 12.86 7.62
CA LYS B 70 15.63 13.80 7.57
C LYS B 70 16.71 13.46 8.60
N LEU B 71 16.30 13.17 9.83
CA LEU B 71 17.26 12.83 10.90
C LEU B 71 18.06 11.58 10.57
N ASN B 72 17.48 10.69 9.76
CA ASN B 72 18.12 9.45 9.34
C ASN B 72 18.83 9.57 7.98
N HIS B 73 18.82 10.78 7.44
CA HIS B 73 19.46 11.07 6.16
C HIS B 73 18.91 10.24 5.02
N VAL B 74 17.62 9.91 5.10
CA VAL B 74 17.00 9.13 4.05
C VAL B 74 15.90 9.93 3.37
N ASN B 75 16.09 11.24 3.30
CA ASN B 75 15.13 12.13 2.67
C ASN B 75 15.57 12.49 1.26
N GLN B 76 15.94 11.46 0.49
CA GLN B 76 16.35 11.64 -0.89
C GLN B 76 15.25 11.07 -1.76
N TYR B 77 14.60 11.93 -2.55
CA TYR B 77 13.53 11.47 -3.42
C TYR B 77 13.71 11.90 -4.86
N ASP B 78 13.03 11.18 -5.76
CA ASP B 78 13.09 11.48 -7.17
C ASP B 78 11.78 12.12 -7.60
N TYR B 79 10.71 11.77 -6.90
CA TYR B 79 9.38 12.29 -7.17
C TYR B 79 8.63 12.51 -5.86
N VAL B 80 7.79 13.51 -5.89
CA VAL B 80 6.85 13.83 -4.80
C VAL B 80 5.50 13.86 -5.47
N LEU B 81 4.53 13.26 -4.85
CA LEU B 81 3.20 13.18 -5.45
C LEU B 81 2.14 13.53 -4.42
N THR B 82 1.32 14.54 -4.70
CA THR B 82 0.27 14.96 -3.78
C THR B 82 -1.07 15.10 -4.50
N GLY B 83 -2.14 15.04 -3.72
CA GLY B 83 -3.47 15.17 -4.29
C GLY B 83 -4.40 15.95 -3.38
N TYR B 84 -5.57 15.37 -3.10
CA TYR B 84 -6.55 16.02 -2.25
C TYR B 84 -5.99 16.45 -0.90
N THR B 85 -6.37 17.65 -0.47
CA THR B 85 -5.97 18.25 0.80
C THR B 85 -7.08 19.22 1.10
N ARG B 86 -7.45 19.32 2.37
CA ARG B 86 -8.56 20.19 2.76
C ARG B 86 -8.12 21.23 3.77
N ASP B 87 -6.84 21.19 4.12
CA ASP B 87 -6.26 22.08 5.11
C ASP B 87 -5.09 22.87 4.52
N LYS B 88 -5.26 24.19 4.40
CA LYS B 88 -4.22 25.04 3.82
C LYS B 88 -2.89 24.99 4.56
N SER B 89 -2.98 24.78 5.87
CA SER B 89 -1.79 24.71 6.69
C SER B 89 -0.95 23.47 6.32
N PHE B 90 -1.63 22.38 6.03
CA PHE B 90 -0.99 21.13 5.65
C PHE B 90 -0.32 21.30 4.27
N LEU B 91 -1.07 21.90 3.34
CA LEU B 91 -0.60 22.15 1.97
C LEU B 91 0.62 23.05 1.98
N ALA B 92 0.60 24.06 2.84
CA ALA B 92 1.73 24.97 2.93
C ALA B 92 2.94 24.21 3.43
N MET B 93 2.71 23.24 4.32
CA MET B 93 3.78 22.42 4.86
C MET B 93 4.36 21.55 3.75
N VAL B 94 3.50 21.08 2.84
CA VAL B 94 3.95 20.26 1.73
C VAL B 94 4.91 21.03 0.82
N VAL B 95 4.57 22.29 0.54
CA VAL B 95 5.41 23.12 -0.30
C VAL B 95 6.80 23.33 0.31
N ASP B 96 6.87 23.50 1.62
CA ASP B 96 8.17 23.68 2.27
C ASP B 96 9.01 22.43 2.07
N ILE B 97 8.39 21.27 2.27
CA ILE B 97 9.04 19.99 2.11
C ILE B 97 9.56 19.79 0.67
N VAL B 98 8.73 20.15 -0.32
CA VAL B 98 9.12 20.01 -1.72
C VAL B 98 10.31 20.89 -2.05
N GLN B 99 10.26 22.15 -1.59
CA GLN B 99 11.34 23.08 -1.85
C GLN B 99 12.65 22.57 -1.28
N GLU B 100 12.60 22.11 -0.03
CA GLU B 100 13.79 21.59 0.64
C GLU B 100 14.35 20.38 -0.12
N LEU B 101 13.45 19.51 -0.59
CA LEU B 101 13.89 18.33 -1.33
C LEU B 101 14.52 18.72 -2.67
N LYS B 102 13.91 19.68 -3.37
CA LYS B 102 14.45 20.11 -4.65
C LYS B 102 15.82 20.73 -4.48
N GLN B 103 16.17 21.04 -3.24
CA GLN B 103 17.47 21.63 -2.97
C GLN B 103 18.56 20.57 -3.08
N GLN B 104 18.31 19.39 -2.51
CA GLN B 104 19.28 18.31 -2.56
C GLN B 104 19.28 17.64 -3.92
N ASN B 105 18.13 17.64 -4.57
CA ASN B 105 17.99 17.02 -5.87
C ASN B 105 17.23 17.91 -6.81
N PRO B 106 17.96 18.77 -7.55
CA PRO B 106 17.40 19.72 -8.51
C PRO B 106 16.56 19.00 -9.54
N ARG B 107 16.78 17.70 -9.67
CA ARG B 107 16.06 16.90 -10.65
C ARG B 107 14.81 16.24 -10.17
N LEU B 108 14.44 16.52 -8.92
CA LEU B 108 13.24 15.95 -8.37
C LEU B 108 12.06 16.49 -9.17
N VAL B 109 11.09 15.62 -9.43
CA VAL B 109 9.90 16.00 -10.17
C VAL B 109 8.73 15.98 -9.20
N TYR B 110 7.98 17.07 -9.17
CA TYR B 110 6.83 17.15 -8.28
C TYR B 110 5.56 17.05 -9.12
N VAL B 111 4.81 15.99 -8.91
CA VAL B 111 3.55 15.77 -9.62
C VAL B 111 2.42 16.20 -8.69
N CYS B 112 1.60 17.15 -9.15
CA CYS B 112 0.52 17.66 -8.33
C CYS B 112 -0.87 17.65 -8.95
N ASP B 113 -1.82 17.07 -8.24
CA ASP B 113 -3.20 17.05 -8.68
C ASP B 113 -3.87 18.04 -7.71
N PRO B 114 -4.15 19.27 -8.19
CA PRO B 114 -4.77 20.32 -7.37
C PRO B 114 -6.28 20.17 -7.17
N VAL B 115 -6.67 19.22 -6.33
CA VAL B 115 -8.09 18.96 -6.10
C VAL B 115 -8.81 20.09 -5.36
N MET B 116 -9.89 20.54 -5.98
CA MET B 116 -10.72 21.62 -5.45
C MET B 116 -12.20 21.41 -5.76
N GLY B 117 -12.48 20.71 -6.84
CA GLY B 117 -13.88 20.44 -7.21
C GLY B 117 -14.03 19.93 -8.63
N ASP B 118 -15.26 19.84 -9.11
CA ASP B 118 -15.52 19.35 -10.47
C ASP B 118 -16.72 20.11 -11.07
N GLN B 119 -16.97 19.89 -12.35
CA GLN B 119 -18.10 20.51 -13.04
C GLN B 119 -19.02 19.34 -13.45
N ARG B 120 -19.84 18.89 -12.49
CA ARG B 120 -20.75 17.75 -12.73
C ARG B 120 -21.62 17.85 -13.97
N ASN B 121 -22.30 18.97 -14.13
CA ASN B 121 -23.18 19.20 -15.27
C ASN B 121 -22.84 20.52 -15.97
N GLY B 122 -22.81 21.60 -15.20
CA GLY B 122 -22.52 22.90 -15.76
C GLY B 122 -21.93 23.85 -14.73
N GLU B 123 -22.36 23.71 -13.48
CA GLU B 123 -21.87 24.58 -12.41
C GLU B 123 -20.83 23.89 -11.54
N GLY B 124 -19.74 24.60 -11.26
CA GLY B 124 -18.69 24.05 -10.43
C GLY B 124 -19.07 24.03 -8.97
N ALA B 125 -18.54 23.07 -8.23
CA ALA B 125 -18.81 22.91 -6.80
C ALA B 125 -17.49 22.60 -6.08
N MET B 126 -17.13 23.45 -5.12
CA MET B 126 -15.88 23.28 -4.38
C MET B 126 -15.91 22.32 -3.18
N TYR B 127 -15.02 21.32 -3.20
CA TYR B 127 -14.92 20.34 -2.11
C TYR B 127 -14.04 20.86 -1.00
N VAL B 128 -13.21 21.83 -1.34
CA VAL B 128 -12.27 22.38 -0.39
C VAL B 128 -12.57 23.82 -0.01
N PRO B 129 -12.21 24.21 1.22
CA PRO B 129 -12.48 25.60 1.61
C PRO B 129 -11.82 26.50 0.58
N ASP B 130 -12.50 27.58 0.23
CA ASP B 130 -12.02 28.52 -0.78
C ASP B 130 -10.64 29.08 -0.47
N ASP B 131 -10.27 29.15 0.81
CA ASP B 131 -8.97 29.70 1.16
C ASP B 131 -7.79 28.85 0.72
N LEU B 132 -8.04 27.83 -0.09
CA LEU B 132 -6.95 26.99 -0.58
C LEU B 132 -6.47 27.47 -1.94
N LEU B 133 -7.40 27.97 -2.76
CA LEU B 133 -7.08 28.46 -4.10
C LEU B 133 -5.85 29.35 -4.13
N PRO B 134 -5.77 30.33 -3.21
CA PRO B 134 -4.61 31.23 -3.19
C PRO B 134 -3.30 30.48 -2.95
N VAL B 135 -3.34 29.45 -2.11
CA VAL B 135 -2.15 28.67 -1.78
C VAL B 135 -1.68 27.86 -2.98
N TYR B 136 -2.64 27.25 -3.68
CA TYR B 136 -2.34 26.45 -4.87
C TYR B 136 -1.74 27.32 -5.95
N ARG B 137 -2.38 28.47 -6.14
CA ARG B 137 -1.99 29.46 -7.14
C ARG B 137 -0.61 30.04 -6.98
N GLU B 138 -0.32 30.56 -5.79
CA GLU B 138 0.96 31.21 -5.55
C GLU B 138 2.07 30.39 -4.93
N LYS B 139 1.74 29.28 -4.28
CA LYS B 139 2.77 28.47 -3.65
C LYS B 139 2.98 27.08 -4.24
N VAL B 140 1.90 26.36 -4.51
CA VAL B 140 2.02 25.01 -5.05
C VAL B 140 2.37 24.96 -6.54
N VAL B 141 1.49 25.47 -7.41
CA VAL B 141 1.73 25.45 -8.85
C VAL B 141 3.14 25.92 -9.25
N PRO B 142 3.63 27.02 -8.67
CA PRO B 142 4.97 27.50 -9.03
C PRO B 142 6.12 26.49 -8.85
N VAL B 143 5.96 25.50 -7.98
CA VAL B 143 7.03 24.53 -7.77
C VAL B 143 6.68 23.14 -8.29
N ALA B 144 5.51 23.03 -8.93
CA ALA B 144 5.03 21.78 -9.51
C ALA B 144 5.58 21.58 -10.92
N ASP B 145 5.93 20.34 -11.25
CA ASP B 145 6.47 20.03 -12.57
C ASP B 145 5.42 19.42 -13.51
N ILE B 146 4.47 18.69 -12.94
CA ILE B 146 3.37 18.08 -13.69
C ILE B 146 2.10 18.31 -12.88
N ILE B 147 1.07 18.89 -13.51
CA ILE B 147 -0.17 19.12 -12.80
C ILE B 147 -1.29 18.48 -13.59
N THR B 148 -2.29 17.98 -12.89
CA THR B 148 -3.40 17.31 -13.55
C THR B 148 -4.74 17.83 -13.10
N PRO B 149 -5.04 19.11 -13.38
CA PRO B 149 -6.32 19.67 -12.98
C PRO B 149 -7.44 19.26 -13.92
N ASN B 150 -8.68 19.38 -13.48
CA ASN B 150 -9.81 19.10 -14.37
C ASN B 150 -10.17 20.50 -14.91
N GLN B 151 -11.15 20.60 -15.80
CA GLN B 151 -11.50 21.90 -16.35
C GLN B 151 -11.77 22.91 -15.23
N PHE B 152 -12.62 22.53 -14.29
CA PHE B 152 -12.99 23.42 -13.19
C PHE B 152 -11.76 23.96 -12.44
N GLU B 153 -10.82 23.08 -12.13
CA GLU B 153 -9.62 23.48 -11.41
C GLU B 153 -8.68 24.35 -12.25
N ALA B 154 -8.61 24.06 -13.53
CA ALA B 154 -7.77 24.82 -14.44
C ALA B 154 -8.31 26.26 -14.51
N GLU B 155 -9.63 26.41 -14.50
CA GLU B 155 -10.25 27.73 -14.55
C GLU B 155 -9.96 28.54 -13.29
N LEU B 156 -10.14 27.93 -12.12
CA LEU B 156 -9.88 28.63 -10.86
C LEU B 156 -8.43 29.12 -10.76
N LEU B 157 -7.49 28.26 -11.14
CA LEU B 157 -6.08 28.60 -11.07
C LEU B 157 -5.66 29.77 -11.94
N THR B 158 -6.33 29.91 -13.09
CA THR B 158 -5.98 30.98 -14.00
C THR B 158 -7.01 32.12 -14.04
N GLY B 159 -8.09 31.96 -13.31
CA GLY B 159 -9.12 32.98 -13.28
C GLY B 159 -9.79 33.16 -14.62
N ARG B 160 -9.63 32.18 -15.51
CA ARG B 160 -10.23 32.25 -16.84
C ARG B 160 -11.22 31.13 -17.09
N LYS B 161 -12.22 31.43 -17.91
CA LYS B 161 -13.26 30.48 -18.24
C LYS B 161 -12.95 29.79 -19.57
N ILE B 162 -13.30 28.51 -19.68
CA ILE B 162 -13.04 27.76 -20.91
C ILE B 162 -14.34 27.45 -21.64
N HIS B 163 -14.46 27.97 -22.87
CA HIS B 163 -15.66 27.75 -23.66
C HIS B 163 -15.37 26.91 -24.91
N SER B 164 -14.09 26.73 -25.22
CA SER B 164 -13.72 25.97 -26.41
C SER B 164 -12.34 25.34 -26.29
N GLN B 165 -12.02 24.48 -27.25
CA GLN B 165 -10.73 23.82 -27.25
C GLN B 165 -9.58 24.84 -27.34
N GLU B 166 -9.79 25.92 -28.10
CA GLU B 166 -8.75 26.93 -28.25
C GLU B 166 -8.50 27.67 -26.94
N GLU B 167 -9.56 27.89 -26.17
CA GLU B 167 -9.44 28.58 -24.90
C GLU B 167 -8.72 27.72 -23.88
N ALA B 168 -8.95 26.41 -23.97
CA ALA B 168 -8.32 25.46 -23.07
C ALA B 168 -6.80 25.51 -23.28
N LEU B 169 -6.39 25.51 -24.54
CA LEU B 169 -4.99 25.57 -24.90
C LEU B 169 -4.35 26.85 -24.38
N GLU B 170 -5.12 27.93 -24.34
CA GLU B 170 -4.61 29.19 -23.85
C GLU B 170 -4.43 29.12 -22.34
N VAL B 171 -5.40 28.49 -21.68
CA VAL B 171 -5.33 28.34 -20.23
C VAL B 171 -4.15 27.46 -19.84
N MET B 172 -3.88 26.45 -20.66
CA MET B 172 -2.75 25.56 -20.40
C MET B 172 -1.42 26.29 -20.58
N ASP B 173 -1.39 27.28 -21.46
CA ASP B 173 -0.19 28.05 -21.69
C ASP B 173 0.01 28.95 -20.48
N MET B 174 -1.08 29.46 -19.92
CA MET B 174 -1.01 30.31 -18.75
C MET B 174 -0.43 29.51 -17.58
N LEU B 175 -0.82 28.25 -17.48
CA LEU B 175 -0.33 27.39 -16.42
C LEU B 175 1.16 27.10 -16.60
N HIS B 176 1.60 26.97 -17.84
CA HIS B 176 3.01 26.72 -18.11
C HIS B 176 3.85 27.90 -17.60
N SER B 177 3.34 29.12 -17.80
CA SER B 177 4.02 30.34 -17.36
C SER B 177 4.12 30.38 -15.86
N MET B 178 3.16 29.74 -15.19
CA MET B 178 3.15 29.71 -13.73
C MET B 178 4.15 28.69 -13.21
N GLY B 179 4.63 27.81 -14.07
CA GLY B 179 5.61 26.85 -13.59
C GLY B 179 5.75 25.49 -14.23
N PRO B 180 4.74 24.61 -14.11
CA PRO B 180 4.77 23.26 -14.68
C PRO B 180 4.99 23.11 -16.19
N ASP B 181 6.00 22.33 -16.56
CA ASP B 181 6.32 22.07 -17.97
C ASP B 181 5.33 21.11 -18.59
N THR B 182 4.58 20.40 -17.74
CA THR B 182 3.59 19.45 -18.23
C THR B 182 2.23 19.74 -17.61
N VAL B 183 1.21 19.87 -18.44
CA VAL B 183 -0.13 20.15 -17.94
C VAL B 183 -1.11 19.21 -18.62
N VAL B 184 -1.94 18.53 -17.82
CA VAL B 184 -2.93 17.63 -18.38
C VAL B 184 -4.29 17.90 -17.78
N ILE B 185 -5.23 18.34 -18.62
CA ILE B 185 -6.58 18.62 -18.17
C ILE B 185 -7.28 17.27 -18.36
N THR B 186 -7.41 16.56 -17.25
CA THR B 186 -7.98 15.22 -17.22
C THR B 186 -9.42 15.01 -17.65
N SER B 187 -10.26 16.04 -17.57
CA SER B 187 -11.65 15.89 -17.98
C SER B 187 -12.23 17.28 -18.18
N SER B 188 -13.19 17.40 -19.09
CA SER B 188 -13.78 18.69 -19.39
C SER B 188 -15.21 18.57 -19.90
N ASN B 189 -15.88 19.71 -20.01
CA ASN B 189 -17.26 19.80 -20.49
C ASN B 189 -17.29 20.03 -21.99
N LEU B 190 -16.12 20.19 -22.60
CA LEU B 190 -16.04 20.43 -24.03
C LEU B 190 -16.60 19.27 -24.83
N LEU B 191 -17.45 19.58 -25.80
CA LEU B 191 -18.05 18.54 -26.62
C LEU B 191 -16.97 18.01 -27.54
N SER B 192 -16.81 16.69 -27.56
CA SER B 192 -15.80 16.06 -28.40
C SER B 192 -16.35 15.84 -29.81
N PRO B 193 -15.49 16.02 -30.82
CA PRO B 193 -15.92 15.83 -32.21
C PRO B 193 -16.46 14.41 -32.49
N ARG B 194 -16.01 13.43 -31.70
CA ARG B 194 -16.44 12.05 -31.86
C ARG B 194 -17.87 11.78 -31.41
N GLY B 195 -18.31 12.52 -30.39
CA GLY B 195 -19.66 12.32 -29.89
C GLY B 195 -19.87 12.83 -28.47
N SER B 196 -21.13 13.01 -28.12
CA SER B 196 -21.49 13.51 -26.80
C SER B 196 -21.23 12.52 -25.69
N ASP B 197 -20.89 11.29 -26.06
CA ASP B 197 -20.61 10.23 -25.09
C ASP B 197 -19.14 10.08 -24.79
N TYR B 198 -18.32 10.92 -25.39
CA TYR B 198 -16.89 10.85 -25.14
C TYR B 198 -16.42 11.96 -24.21
N LEU B 199 -15.45 11.62 -23.38
CA LEU B 199 -14.87 12.55 -22.44
C LEU B 199 -13.60 13.09 -23.09
N MET B 200 -13.44 14.39 -23.03
CA MET B 200 -12.28 15.02 -23.67
C MET B 200 -11.25 15.46 -22.62
N ALA B 201 -10.03 15.08 -22.90
CA ALA B 201 -8.88 15.45 -22.07
C ALA B 201 -7.86 16.12 -22.98
N LEU B 202 -7.12 17.07 -22.44
CA LEU B 202 -6.13 17.78 -23.22
C LEU B 202 -4.79 17.70 -22.52
N GLY B 203 -3.71 17.66 -23.28
CA GLY B 203 -2.39 17.59 -22.68
C GLY B 203 -1.44 18.53 -23.36
N SER B 204 -0.51 19.09 -22.60
CA SER B 204 0.47 20.03 -23.13
C SER B 204 1.79 19.90 -22.39
N GLN B 205 2.89 19.79 -23.12
CA GLN B 205 4.20 19.68 -22.50
C GLN B 205 5.19 20.64 -23.15
N ARG B 206 5.81 21.47 -22.32
CA ARG B 206 6.75 22.45 -22.82
C ARG B 206 8.23 22.09 -22.70
N THR B 207 8.97 22.49 -23.72
CA THR B 207 10.40 22.23 -23.78
C THR B 207 11.11 23.44 -24.35
N ARG B 208 11.90 24.10 -23.50
CA ARG B 208 12.63 25.27 -23.93
C ARG B 208 13.91 24.80 -24.60
N ALA B 209 14.02 25.09 -25.89
CA ALA B 209 15.20 24.70 -26.69
C ALA B 209 16.41 25.53 -26.28
N PRO B 210 17.62 25.02 -26.57
CA PRO B 210 18.89 25.68 -26.24
C PRO B 210 18.99 27.15 -26.69
N ASP B 211 18.57 27.43 -27.92
CA ASP B 211 18.62 28.78 -28.48
C ASP B 211 17.54 29.72 -27.95
N GLY B 212 16.73 29.25 -26.99
CA GLY B 212 15.68 30.09 -26.44
C GLY B 212 14.35 29.95 -27.13
N SER B 213 14.27 29.01 -28.08
CA SER B 213 13.02 28.77 -28.79
C SER B 213 12.23 27.84 -27.88
N VAL B 214 10.92 27.83 -28.03
CA VAL B 214 10.08 27.00 -27.19
C VAL B 214 9.23 26.00 -27.96
N VAL B 215 9.52 24.71 -27.81
CA VAL B 215 8.73 23.71 -28.49
C VAL B 215 7.70 23.17 -27.53
N THR B 216 6.45 23.14 -27.98
CA THR B 216 5.35 22.70 -27.16
C THR B 216 4.53 21.58 -27.80
N GLN B 217 4.44 20.43 -27.15
CA GLN B 217 3.64 19.34 -27.70
C GLN B 217 2.24 19.40 -27.07
N ARG B 218 1.22 19.45 -27.90
CA ARG B 218 -0.15 19.49 -27.42
C ARG B 218 -0.92 18.31 -28.00
N ILE B 219 -1.78 17.70 -27.19
CA ILE B 219 -2.54 16.54 -27.64
C ILE B 219 -3.96 16.55 -27.11
N ARG B 220 -4.83 15.82 -27.80
CA ARG B 220 -6.22 15.70 -27.37
C ARG B 220 -6.53 14.22 -27.28
N MET B 221 -7.37 13.87 -26.31
CA MET B 221 -7.77 12.49 -26.10
C MET B 221 -9.26 12.39 -25.82
N GLU B 222 -9.88 11.39 -26.42
CA GLU B 222 -11.30 11.18 -26.25
C GLU B 222 -11.52 9.76 -25.74
N MET B 223 -12.23 9.65 -24.63
CA MET B 223 -12.48 8.37 -24.01
C MET B 223 -13.98 8.20 -23.86
N HIS B 224 -14.49 7.01 -24.14
CA HIS B 224 -15.93 6.77 -24.01
C HIS B 224 -16.32 6.75 -22.53
N LYS B 225 -17.34 7.53 -22.17
CA LYS B 225 -17.79 7.59 -20.79
C LYS B 225 -18.36 6.24 -20.35
N VAL B 226 -18.05 5.89 -19.11
CA VAL B 226 -18.62 4.69 -18.46
C VAL B 226 -19.79 5.21 -17.65
N ASP B 227 -20.90 4.52 -17.69
CA ASP B 227 -22.11 5.01 -17.04
C ASP B 227 -22.13 4.78 -15.53
N ALA B 228 -21.31 5.52 -14.79
CA ALA B 228 -21.25 5.37 -13.35
C ALA B 228 -20.35 6.44 -12.76
N VAL B 229 -20.45 6.63 -11.45
CA VAL B 229 -19.62 7.61 -10.75
C VAL B 229 -18.55 6.86 -9.98
N PHE B 230 -17.29 7.11 -10.32
CA PHE B 230 -16.18 6.45 -9.64
C PHE B 230 -15.45 7.40 -8.70
N VAL B 231 -14.72 6.82 -7.75
CA VAL B 231 -13.96 7.62 -6.82
C VAL B 231 -12.53 7.09 -6.80
N GLY B 232 -11.56 8.00 -6.76
CA GLY B 232 -10.17 7.60 -6.74
C GLY B 232 -9.56 7.50 -8.13
N THR B 233 -10.38 7.76 -9.15
CA THR B 233 -9.93 7.71 -10.53
C THR B 233 -8.92 8.80 -10.86
N GLY B 234 -9.08 9.97 -10.25
CA GLY B 234 -8.13 11.04 -10.49
C GLY B 234 -6.78 10.74 -9.85
N ASP B 235 -6.81 10.07 -8.70
CA ASP B 235 -5.58 9.72 -8.01
C ASP B 235 -4.87 8.65 -8.83
N LEU B 236 -5.62 7.66 -9.29
CA LEU B 236 -5.06 6.59 -10.10
C LEU B 236 -4.43 7.19 -11.34
N PHE B 237 -5.12 8.15 -11.95
CA PHE B 237 -4.63 8.81 -13.16
C PHE B 237 -3.24 9.43 -12.93
N ALA B 238 -3.15 10.32 -11.97
CA ALA B 238 -1.91 11.01 -11.65
C ALA B 238 -0.76 10.06 -11.31
N ALA B 239 -1.06 8.95 -10.66
CA ALA B 239 -0.03 7.99 -10.27
C ALA B 239 0.56 7.29 -11.47
N MET B 240 -0.30 6.88 -12.39
CA MET B 240 0.15 6.19 -13.58
C MET B 240 0.84 7.14 -14.56
N LEU B 241 0.36 8.39 -14.65
CA LEU B 241 0.98 9.37 -15.53
C LEU B 241 2.41 9.61 -15.07
N LEU B 242 2.64 9.56 -13.76
CA LEU B 242 3.97 9.75 -13.21
C LEU B 242 4.90 8.66 -13.75
N ALA B 243 4.43 7.41 -13.67
CA ALA B 243 5.19 6.25 -14.12
C ALA B 243 5.52 6.29 -15.60
N TRP B 244 4.49 6.50 -16.40
CA TRP B 244 4.66 6.54 -17.84
C TRP B 244 5.42 7.76 -18.36
N THR B 245 5.36 8.88 -17.67
CA THR B 245 6.10 10.04 -18.15
C THR B 245 7.57 9.82 -17.81
N HIS B 246 7.83 8.99 -16.80
CA HIS B 246 9.21 8.69 -16.42
C HIS B 246 9.86 7.87 -17.53
N LYS B 247 9.11 6.93 -18.11
CA LYS B 247 9.61 6.07 -19.18
C LYS B 247 9.69 6.81 -20.51
N HIS B 248 8.73 7.68 -20.76
CA HIS B 248 8.70 8.44 -21.99
C HIS B 248 8.78 9.91 -21.59
N PRO B 249 9.94 10.33 -21.08
CA PRO B 249 10.20 11.70 -20.62
C PRO B 249 9.91 12.83 -21.62
N ASN B 250 10.13 12.57 -22.90
CA ASN B 250 9.89 13.61 -23.90
C ASN B 250 8.71 13.33 -24.81
N ASN B 251 7.95 12.29 -24.50
CA ASN B 251 6.81 11.96 -25.34
C ASN B 251 5.50 11.92 -24.57
N LEU B 252 4.88 13.09 -24.43
CA LEU B 252 3.61 13.17 -23.72
C LEU B 252 2.53 12.34 -24.42
N LYS B 253 2.64 12.19 -25.73
CA LYS B 253 1.65 11.42 -26.49
C LYS B 253 1.56 9.97 -26.01
N VAL B 254 2.69 9.29 -25.98
CA VAL B 254 2.74 7.90 -25.56
C VAL B 254 2.40 7.73 -24.08
N ALA B 255 2.92 8.62 -23.24
CA ALA B 255 2.67 8.60 -21.81
C ALA B 255 1.17 8.67 -21.51
N CYS B 256 0.48 9.53 -22.25
CA CYS B 256 -0.95 9.66 -22.05
C CYS B 256 -1.74 8.50 -22.62
N GLU B 257 -1.27 7.94 -23.73
CA GLU B 257 -1.95 6.81 -24.35
C GLU B 257 -1.89 5.58 -23.45
N LYS B 258 -0.74 5.36 -22.83
CA LYS B 258 -0.62 4.22 -21.94
C LYS B 258 -1.44 4.48 -20.68
N THR B 259 -1.37 5.71 -20.18
CA THR B 259 -2.12 6.09 -18.97
C THR B 259 -3.62 5.94 -19.15
N VAL B 260 -4.14 6.50 -20.23
CA VAL B 260 -5.57 6.42 -20.49
C VAL B 260 -6.02 4.99 -20.84
N SER B 261 -5.16 4.23 -21.50
CA SER B 261 -5.53 2.85 -21.85
C SER B 261 -5.74 2.04 -20.58
N ALA B 262 -4.84 2.22 -19.61
CA ALA B 262 -4.95 1.52 -18.33
C ALA B 262 -6.25 1.90 -17.62
N MET B 263 -6.57 3.20 -17.62
CA MET B 263 -7.80 3.67 -17.00
C MET B 263 -8.98 2.88 -17.56
N HIS B 264 -9.01 2.77 -18.89
CA HIS B 264 -10.07 2.06 -19.59
C HIS B 264 -10.23 0.63 -19.10
N HIS B 265 -9.12 -0.11 -19.11
CA HIS B 265 -9.14 -1.50 -18.67
C HIS B 265 -9.62 -1.65 -17.24
N VAL B 266 -9.13 -0.79 -16.35
CA VAL B 266 -9.53 -0.85 -14.95
C VAL B 266 -11.00 -0.54 -14.77
N LEU B 267 -11.49 0.50 -15.44
CA LEU B 267 -12.89 0.89 -15.32
C LEU B 267 -13.85 -0.12 -15.93
N GLN B 268 -13.45 -0.74 -17.03
CA GLN B 268 -14.32 -1.74 -17.65
C GLN B 268 -14.46 -2.92 -16.71
N ARG B 269 -13.33 -3.39 -16.19
CA ARG B 269 -13.39 -4.51 -15.28
C ARG B 269 -14.20 -4.14 -14.04
N THR B 270 -14.07 -2.89 -13.59
CA THR B 270 -14.80 -2.43 -12.41
C THR B 270 -16.31 -2.36 -12.59
N ILE B 271 -16.76 -1.84 -13.72
CA ILE B 271 -18.20 -1.71 -13.96
C ILE B 271 -18.84 -3.07 -14.23
N LYS B 272 -18.09 -3.98 -14.85
CA LYS B 272 -18.62 -5.32 -15.14
C LYS B 272 -18.86 -6.07 -13.83
N CYS B 273 -17.88 -6.01 -12.93
CA CYS B 273 -18.01 -6.68 -11.65
C CYS B 273 -19.07 -6.05 -10.77
N ALA B 274 -19.22 -4.74 -10.85
CA ALA B 274 -20.22 -4.04 -10.07
C ALA B 274 -21.63 -4.47 -10.46
N LYS B 275 -21.91 -4.49 -11.76
CA LYS B 275 -23.23 -4.88 -12.24
C LYS B 275 -23.56 -6.33 -11.91
N ALA B 276 -22.55 -7.19 -11.90
CA ALA B 276 -22.75 -8.60 -11.61
C ALA B 276 -23.04 -8.81 -10.12
N LYS B 277 -22.48 -7.95 -9.28
CA LYS B 277 -22.66 -8.04 -7.84
C LYS B 277 -23.94 -7.38 -7.36
N SER B 278 -24.40 -6.39 -8.11
CA SER B 278 -25.60 -5.63 -7.79
C SER B 278 -26.88 -6.47 -7.89
N GLY B 279 -27.06 -6.99 -9.06
CA GLY B 279 -28.26 -7.73 -9.45
C GLY B 279 -28.76 -7.03 -10.69
N GLU B 280 -29.70 -7.60 -11.38
CA GLU B 280 -30.15 -6.99 -12.62
C GLU B 280 -31.15 -5.87 -12.36
N GLY B 281 -30.97 -4.78 -13.10
CA GLY B 281 -31.84 -3.63 -12.96
C GLY B 281 -31.43 -2.81 -11.76
N VAL B 282 -30.71 -3.42 -10.82
CA VAL B 282 -30.28 -2.72 -9.63
C VAL B 282 -29.02 -1.91 -9.88
N LYS B 283 -29.04 -0.65 -9.45
CA LYS B 283 -27.90 0.22 -9.64
C LYS B 283 -26.77 -0.11 -8.69
N PRO B 284 -25.53 -0.15 -9.20
CA PRO B 284 -24.39 -0.46 -8.34
C PRO B 284 -24.21 0.60 -7.26
N SER B 285 -23.92 0.15 -6.04
CA SER B 285 -23.71 1.06 -4.92
C SER B 285 -22.23 1.47 -4.89
N PRO B 286 -21.93 2.58 -4.21
CA PRO B 286 -20.53 3.02 -4.15
C PRO B 286 -19.59 1.94 -3.60
N ALA B 287 -20.11 1.08 -2.74
CA ALA B 287 -19.30 0.01 -2.17
C ALA B 287 -19.00 -1.02 -3.25
N GLN B 288 -19.92 -1.18 -4.19
CA GLN B 288 -19.74 -2.15 -5.26
C GLN B 288 -18.89 -1.55 -6.38
N LEU B 289 -18.78 -0.23 -6.39
CA LEU B 289 -18.02 0.46 -7.41
C LEU B 289 -16.55 0.71 -7.08
N GLU B 290 -16.08 0.22 -5.94
CA GLU B 290 -14.68 0.41 -5.59
C GLU B 290 -13.83 -0.16 -6.72
N LEU B 291 -12.80 0.58 -7.13
CA LEU B 291 -11.93 0.12 -8.21
C LEU B 291 -11.39 -1.29 -8.00
N ARG B 292 -11.42 -2.09 -9.07
CA ARG B 292 -10.89 -3.44 -9.01
C ARG B 292 -9.41 -3.35 -9.35
N MET B 293 -8.68 -2.78 -8.39
CA MET B 293 -7.24 -2.53 -8.48
C MET B 293 -6.39 -3.80 -8.59
N VAL B 294 -6.52 -4.69 -7.60
CA VAL B 294 -5.77 -5.94 -7.56
C VAL B 294 -5.99 -6.84 -8.78
N GLN B 295 -7.23 -6.93 -9.23
CA GLN B 295 -7.58 -7.76 -10.37
C GLN B 295 -7.19 -7.13 -11.71
N SER B 296 -6.56 -5.96 -11.67
CA SER B 296 -6.16 -5.26 -12.90
C SER B 296 -4.65 -5.15 -13.01
N LYS B 297 -3.95 -5.87 -12.13
CA LYS B 297 -2.50 -5.86 -12.11
C LYS B 297 -1.85 -5.95 -13.49
N LYS B 298 -2.24 -6.94 -14.28
CA LYS B 298 -1.68 -7.14 -15.61
C LYS B 298 -1.89 -5.92 -16.51
N ASP B 299 -3.10 -5.40 -16.50
CA ASP B 299 -3.47 -4.24 -17.30
C ASP B 299 -2.69 -2.98 -16.92
N ILE B 300 -2.39 -2.82 -15.64
CA ILE B 300 -1.63 -1.67 -15.17
C ILE B 300 -0.14 -1.79 -15.54
N GLU B 301 0.36 -3.02 -15.50
CA GLU B 301 1.76 -3.30 -15.83
C GLU B 301 2.05 -3.05 -17.31
N SER B 302 1.16 -3.54 -18.17
CA SER B 302 1.34 -3.39 -19.62
C SER B 302 -0.02 -3.29 -20.28
N PRO B 303 -0.56 -2.07 -20.38
CA PRO B 303 -1.87 -1.85 -20.99
C PRO B 303 -1.95 -1.93 -22.51
N GLU B 304 -2.95 -2.67 -23.00
CA GLU B 304 -3.16 -2.76 -24.44
C GLU B 304 -3.70 -1.40 -24.82
N ILE B 305 -3.03 -0.71 -25.74
CA ILE B 305 -3.48 0.61 -26.16
C ILE B 305 -4.86 0.55 -26.82
N VAL B 306 -5.78 1.40 -26.36
CA VAL B 306 -7.13 1.42 -26.91
C VAL B 306 -7.60 2.82 -27.33
N VAL B 307 -6.75 3.82 -27.11
CA VAL B 307 -7.06 5.20 -27.51
C VAL B 307 -5.85 5.77 -28.20
N GLN B 308 -6.08 6.66 -29.14
CA GLN B 308 -4.99 7.29 -29.85
C GLN B 308 -5.09 8.79 -29.61
N ALA B 309 -3.97 9.37 -29.19
CA ALA B 309 -3.93 10.79 -28.93
C ALA B 309 -3.74 11.54 -30.24
N THR B 310 -4.51 12.60 -30.42
CA THR B 310 -4.43 13.44 -31.60
C THR B 310 -3.45 14.58 -31.31
N VAL B 311 -2.44 14.74 -32.15
CA VAL B 311 -1.50 15.83 -31.93
C VAL B 311 -2.10 17.10 -32.50
N LEU B 312 -2.13 18.15 -31.67
CA LEU B 312 -2.70 19.44 -32.03
C LEU B 312 -1.71 20.46 -32.58
ZN ZN C . 8.22 -12.75 14.83
PB ADP D . 10.76 -14.67 14.23
O1B ADP D . 11.23 -16.10 14.38
O2B ADP D . 9.18 -14.49 14.44
O3B ADP D . 11.56 -13.76 15.14
PA ADP D . 12.12 -13.72 11.97
O1A ADP D . 13.22 -14.42 12.46
O2A ADP D . 12.59 -12.25 11.97
O3A ADP D . 10.92 -14.05 12.83
O5' ADP D . 11.48 -14.40 10.68
C5' ADP D . 11.99 -15.52 10.25
C4' ADP D . 11.58 -15.87 8.90
O4' ADP D . 12.48 -15.04 8.24
C3' ADP D . 12.02 -17.34 8.62
O3' ADP D . 11.16 -18.00 7.62
C2' ADP D . 13.44 -17.21 8.14
O2' ADP D . 13.80 -18.19 7.17
C1' ADP D . 13.54 -15.76 7.65
N9 ADP D . 14.86 -15.14 8.07
C8 ADP D . 15.01 -14.11 8.99
N7 ADP D . 16.31 -13.81 9.10
C5 ADP D . 17.00 -14.60 8.30
C6 ADP D . 18.36 -14.77 7.99
N6 ADP D . 19.28 -13.97 8.56
N1 ADP D . 18.74 -15.75 7.08
C2 ADP D . 17.84 -16.57 6.48
N3 ADP D . 16.53 -16.40 6.77
C4 ADP D . 16.07 -15.47 7.66
ZN ZN E . -9.39 15.47 -9.66
PB ADP F . -11.24 14.81 -12.55
O1B ADP F . -11.09 15.36 -13.95
O2B ADP F . -10.06 15.27 -11.56
O3B ADP F . -12.61 15.15 -12.00
PA ADP F . -11.99 12.14 -12.79
O1A ADP F . -12.84 12.53 -13.82
O2A ADP F . -13.00 11.58 -11.78
O3A ADP F . -11.13 13.31 -12.39
O5' ADP F . -10.75 11.29 -13.33
C5' ADP F . -10.64 11.20 -14.63
C4' ADP F . -9.78 10.12 -15.16
O4' ADP F . -10.63 9.05 -14.89
C3' ADP F . -9.74 10.32 -16.69
O3' ADP F . -8.53 9.79 -17.30
C2' ADP F . -10.95 9.58 -17.17
O2' ADP F . -10.74 8.99 -18.42
C1' ADP F . -11.28 8.60 -16.05
N9 ADP F . -12.78 8.53 -15.80
C8 ADP F . -13.42 8.94 -14.67
N7 ADP F . -14.73 8.70 -14.80
C5 ADP F . -14.94 8.15 -15.96
C6 ADP F . -16.07 7.69 -16.64
N6 ADP F . -17.27 7.75 -16.08
N1 ADP F . -15.93 7.15 -17.90
C2 ADP F . -14.72 7.05 -18.51
N3 ADP F . -13.63 7.50 -17.86
C4 ADP F . -13.69 8.03 -16.61
#